data_3O59
#
_entry.id   3O59
#
_cell.length_a   54.042
_cell.length_b   54.042
_cell.length_c   173.335
_cell.angle_alpha   90.00
_cell.angle_beta   90.00
_cell.angle_gamma   90.00
#
_symmetry.space_group_name_H-M   'P 43 21 2'
#
loop_
_entity.id
_entity.type
_entity.pdbx_description
1 polymer 'DNA polymerase II large subunit'
2 water water
#
_entity_poly.entity_id   1
_entity_poly.type   'polypeptide(L)'
_entity_poly.pdbx_seq_one_letter_code
;(MSE)VL(MSE)ELPKE(MSE)EEYFS(MSE)LQREIDKAYEIAKKARAQGKDPSLDVEIPQASD(MSE)AGRVESLVGP
PGVAERIRELVKEYGKEIAALKIVDEIIDGKFGDLGSKEKYAEQAVRTALAILTEGVVSAPIEGIASVKIKRNTWSDNSE
YLALYYAGPIRSSGGTAQALSVLVGDYVRRKLGLDRFKPSEKHIER(MSE)VEEVDLYHRTVSRLQYHPSPEEVRLA
(MSE)RNIPIEITGEATDEVEVSHRDIPGVETNQLRGGAILVLAEGVLQKAKKLVKYIDK(MSE)GIEGWEWLKEFVEAK
EKGEEIEEEGSAEST
;
_entity_poly.pdbx_strand_id   X
#
# COMPACT_ATOMS: atom_id res chain seq x y z
N SER A 48 4.49 0.88 28.02
CA SER A 48 3.84 1.51 26.83
C SER A 48 3.11 0.47 25.95
N ASP A 49 1.80 0.65 25.77
CA ASP A 49 0.94 -0.25 25.00
C ASP A 49 0.98 0.03 23.48
N MSE A 50 0.27 -0.78 22.70
CA MSE A 50 0.03 -0.53 21.26
C MSE A 50 -0.37 0.92 20.92
O MSE A 50 0.28 1.56 20.06
CB MSE A 50 -1.02 -1.50 20.68
CG MSE A 50 -1.19 -1.37 19.14
SE MSE A 50 -2.49 0.07 18.55
CE MSE A 50 -4.06 -1.10 18.50
N ALA A 51 -1.42 1.42 21.57
CA ALA A 51 -1.87 2.81 21.33
C ALA A 51 -0.77 3.83 21.60
N GLY A 52 0.03 3.57 22.64
CA GLY A 52 1.11 4.49 23.00
C GLY A 52 2.22 4.41 21.98
N ARG A 53 2.59 3.20 21.57
CA ARG A 53 3.61 3.06 20.51
C ARG A 53 3.18 3.92 19.31
N VAL A 54 1.94 3.73 18.84
CA VAL A 54 1.44 4.50 17.66
C VAL A 54 1.60 6.04 17.83
N GLU A 55 1.23 6.59 18.98
CA GLU A 55 1.35 8.03 19.10
C GLU A 55 2.81 8.47 18.89
N SER A 56 3.75 7.88 19.64
CA SER A 56 5.15 8.29 19.45
C SER A 56 5.75 7.85 18.12
N LEU A 57 5.34 6.72 17.56
CA LEU A 57 5.92 6.35 16.24
C LEU A 57 5.50 7.29 15.12
N VAL A 58 4.20 7.51 14.96
CA VAL A 58 3.72 8.31 13.81
C VAL A 58 2.79 9.49 14.12
N GLY A 59 2.33 9.59 15.37
CA GLY A 59 1.29 10.55 15.69
C GLY A 59 -0.05 10.26 15.01
N PRO A 60 -0.93 11.28 14.89
CA PRO A 60 -0.68 12.69 15.33
C PRO A 60 -0.80 12.81 16.84
N PRO A 61 -0.41 13.97 17.44
CA PRO A 61 -0.47 13.97 18.90
C PRO A 61 -1.92 13.91 19.38
N GLY A 62 -2.13 13.15 20.46
CA GLY A 62 -3.43 12.94 21.04
C GLY A 62 -4.17 11.65 20.63
N VAL A 63 -3.59 10.95 19.65
CA VAL A 63 -4.21 9.80 19.00
C VAL A 63 -4.23 8.57 19.89
N ALA A 64 -3.27 8.49 20.82
CA ALA A 64 -3.25 7.34 21.73
C ALA A 64 -4.57 7.19 22.50
N GLU A 65 -5.06 8.28 23.10
CA GLU A 65 -6.30 8.20 23.90
C GLU A 65 -7.41 7.66 22.98
N ARG A 66 -7.55 8.25 21.79
CA ARG A 66 -8.62 7.85 20.88
C ARG A 66 -8.51 6.38 20.47
N ILE A 67 -7.31 5.91 20.19
CA ILE A 67 -7.16 4.49 19.82
C ILE A 67 -7.60 3.51 20.92
N ARG A 68 -7.26 3.83 22.16
CA ARG A 68 -7.58 2.96 23.31
C ARG A 68 -9.10 2.82 23.41
N GLU A 69 -9.75 3.96 23.35
CA GLU A 69 -11.18 4.06 23.42
C GLU A 69 -11.88 3.36 22.25
N LEU A 70 -11.34 3.49 21.06
CA LEU A 70 -11.97 2.87 19.88
C LEU A 70 -11.66 1.38 19.74
N VAL A 71 -10.49 0.96 20.20
CA VAL A 71 -10.12 -0.45 20.10
C VAL A 71 -10.96 -1.29 21.06
N LYS A 72 -11.18 -0.76 22.27
CA LYS A 72 -11.96 -1.50 23.24
C LYS A 72 -13.37 -1.77 22.66
N GLU A 73 -13.99 -0.77 22.04
CA GLU A 73 -15.36 -0.90 21.56
C GLU A 73 -15.51 -1.56 20.18
N TYR A 74 -14.48 -1.44 19.33
CA TYR A 74 -14.62 -1.82 17.94
C TYR A 74 -13.62 -2.86 17.47
N GLY A 75 -12.56 -3.09 18.22
CA GLY A 75 -11.50 -3.96 17.70
C GLY A 75 -10.52 -3.19 16.83
N LYS A 76 -9.33 -3.74 16.70
CA LYS A 76 -8.21 -3.09 16.01
C LYS A 76 -8.56 -2.60 14.59
N GLU A 77 -9.31 -3.39 13.85
CA GLU A 77 -9.36 -3.19 12.40
C GLU A 77 -10.28 -2.00 12.10
N ILE A 78 -11.46 -2.00 12.72
CA ILE A 78 -12.44 -0.93 12.58
C ILE A 78 -11.93 0.35 13.25
N ALA A 79 -11.28 0.17 14.41
CA ALA A 79 -10.67 1.32 15.09
C ALA A 79 -9.70 2.04 14.15
N ALA A 80 -8.94 1.27 13.37
CA ALA A 80 -7.96 1.91 12.47
C ALA A 80 -8.67 2.82 11.45
N LEU A 81 -9.76 2.31 10.88
CA LEU A 81 -10.51 3.05 9.88
C LEU A 81 -11.21 4.30 10.47
N LYS A 82 -11.72 4.19 11.69
CA LYS A 82 -12.37 5.36 12.35
C LYS A 82 -11.31 6.40 12.67
N ILE A 83 -10.13 5.98 13.11
CA ILE A 83 -9.03 6.94 13.19
C ILE A 83 -8.73 7.66 11.81
N VAL A 84 -8.67 6.89 10.72
CA VAL A 84 -8.50 7.48 9.38
C VAL A 84 -9.56 8.58 9.19
N ASP A 85 -10.82 8.22 9.45
CA ASP A 85 -11.95 9.16 9.29
C ASP A 85 -11.76 10.43 10.11
N GLU A 86 -11.29 10.28 11.36
CA GLU A 86 -11.19 11.41 12.28
C GLU A 86 -10.05 12.32 11.85
N ILE A 87 -8.93 11.72 11.48
CA ILE A 87 -7.82 12.45 10.92
C ILE A 87 -8.31 13.27 9.70
N ILE A 88 -8.96 12.60 8.75
CA ILE A 88 -9.34 13.28 7.51
C ILE A 88 -10.41 14.34 7.82
N ASP A 89 -11.24 14.03 8.80
CA ASP A 89 -12.26 14.99 9.17
C ASP A 89 -11.66 16.17 10.01
N GLY A 90 -10.40 16.09 10.41
CA GLY A 90 -9.75 17.23 11.04
C GLY A 90 -9.76 17.18 12.55
N LYS A 91 -10.15 16.05 13.11
CA LYS A 91 -10.25 15.96 14.58
C LYS A 91 -8.87 16.07 15.27
N PHE A 92 -7.75 15.95 14.54
CA PHE A 92 -6.41 16.17 15.16
C PHE A 92 -5.73 17.45 14.66
N GLY A 93 -6.52 18.36 14.08
CA GLY A 93 -6.02 19.53 13.44
C GLY A 93 -6.29 19.53 11.94
N ASP A 94 -6.51 20.73 11.39
CA ASP A 94 -6.54 20.93 9.96
C ASP A 94 -5.14 20.69 9.48
N LEU A 95 -4.91 19.60 8.76
CA LEU A 95 -3.51 19.27 8.45
C LEU A 95 -2.96 20.07 7.26
N GLY A 96 -3.84 20.69 6.47
CA GLY A 96 -3.38 21.47 5.35
C GLY A 96 -3.83 20.83 4.05
N SER A 97 -2.88 20.50 3.21
CA SER A 97 -3.21 19.96 1.89
C SER A 97 -3.77 18.51 1.99
N LYS A 98 -4.51 18.06 0.98
CA LYS A 98 -4.97 16.65 0.93
C LYS A 98 -3.80 15.66 1.11
N GLU A 99 -2.68 15.95 0.47
CA GLU A 99 -1.50 15.16 0.66
C GLU A 99 -1.04 15.03 2.14
N LYS A 100 -1.04 16.12 2.90
CA LYS A 100 -0.68 16.00 4.31
C LYS A 100 -1.70 15.16 5.09
N TYR A 101 -2.97 15.33 4.78
CA TYR A 101 -3.98 14.42 5.33
C TYR A 101 -3.67 12.94 4.94
N ALA A 102 -3.39 12.70 3.67
CA ALA A 102 -3.08 11.36 3.16
C ALA A 102 -1.90 10.71 3.90
N GLU A 103 -0.79 11.44 4.07
CA GLU A 103 0.40 10.91 4.74
C GLU A 103 0.16 10.56 6.19
N GLN A 104 -0.52 11.44 6.91
CA GLN A 104 -0.78 11.18 8.31
C GLN A 104 -1.75 9.98 8.48
N ALA A 105 -2.80 9.97 7.71
CA ALA A 105 -3.77 8.86 7.74
C ALA A 105 -3.18 7.49 7.37
N VAL A 106 -2.41 7.43 6.29
CA VAL A 106 -1.77 6.16 5.95
C VAL A 106 -0.91 5.59 7.08
N ARG A 107 0.00 6.42 7.60
CA ARG A 107 0.96 6.00 8.57
C ARG A 107 0.27 5.68 9.90
N THR A 108 -0.66 6.50 10.33
CA THR A 108 -1.30 6.16 11.58
C THR A 108 -2.11 4.86 11.41
N ALA A 109 -2.88 4.74 10.32
CA ALA A 109 -3.69 3.53 10.18
C ALA A 109 -2.85 2.29 10.05
N LEU A 110 -1.77 2.37 9.30
CA LEU A 110 -0.98 1.19 9.14
C LEU A 110 -0.28 0.82 10.47
N ALA A 111 0.05 1.80 11.30
CA ALA A 111 0.75 1.58 12.58
C ALA A 111 -0.17 0.80 13.46
N ILE A 112 -1.41 1.28 13.56
CA ILE A 112 -2.47 0.62 14.29
C ILE A 112 -2.62 -0.85 13.90
N LEU A 113 -2.77 -1.11 12.60
CA LEU A 113 -3.01 -2.47 12.13
C LEU A 113 -1.82 -3.45 12.29
N THR A 114 -0.59 -2.91 12.39
CA THR A 114 0.60 -3.74 12.50
C THR A 114 1.12 -3.67 13.93
N GLU A 115 0.27 -3.13 14.81
CA GLU A 115 0.44 -3.09 16.26
C GLU A 115 1.59 -2.20 16.68
N GLY A 116 2.07 -1.35 15.80
CA GLY A 116 3.22 -0.58 16.21
C GLY A 116 4.44 -1.46 16.46
N VAL A 117 4.50 -2.67 15.91
CA VAL A 117 5.73 -3.48 16.03
C VAL A 117 6.65 -3.58 14.79
N VAL A 118 6.27 -2.97 13.65
CA VAL A 118 7.18 -2.92 12.51
C VAL A 118 7.46 -1.47 12.08
N SER A 119 8.55 -1.26 11.37
CA SER A 119 8.89 0.05 10.86
C SER A 119 8.12 0.43 9.56
N ALA A 120 7.30 -0.47 8.98
CA ALA A 120 6.58 -0.06 7.74
C ALA A 120 5.96 1.37 7.73
N PRO A 121 5.28 1.81 8.83
CA PRO A 121 4.59 3.14 8.86
C PRO A 121 5.57 4.30 8.90
N ILE A 122 6.82 3.99 9.21
CA ILE A 122 7.83 5.01 9.22
C ILE A 122 8.93 4.80 8.17
N GLU A 123 9.97 4.03 8.44
CA GLU A 123 11.04 3.80 7.41
C GLU A 123 10.56 3.10 6.17
N GLY A 124 9.48 2.31 6.26
CA GLY A 124 9.08 1.54 5.06
C GLY A 124 8.50 2.40 3.96
N ILE A 125 7.83 3.49 4.32
CA ILE A 125 7.15 4.31 3.31
C ILE A 125 7.89 5.65 3.25
N ALA A 126 8.48 5.96 2.08
CA ALA A 126 9.29 7.20 1.90
C ALA A 126 8.33 8.34 1.91
N SER A 127 7.22 8.17 1.20
CA SER A 127 6.23 9.25 1.07
C SER A 127 4.93 8.77 0.43
N VAL A 128 3.90 9.57 0.62
CA VAL A 128 2.57 9.32 0.11
C VAL A 128 2.21 10.54 -0.74
N LYS A 129 1.86 10.34 -1.98
CA LYS A 129 1.80 11.43 -2.91
C LYS A 129 0.52 11.32 -3.71
N ILE A 130 -0.07 12.48 -4.01
CA ILE A 130 -1.22 12.55 -4.88
C ILE A 130 -0.68 12.90 -6.28
N LYS A 131 -1.21 12.22 -7.29
CA LYS A 131 -0.67 12.32 -8.66
C LYS A 131 -1.81 12.23 -9.63
N ARG A 132 -1.53 12.43 -10.91
CA ARG A 132 -2.58 12.24 -11.92
C ARG A 132 -2.25 11.22 -12.99
N ASN A 133 -3.31 10.63 -13.55
CA ASN A 133 -3.25 9.75 -14.70
C ASN A 133 -3.14 10.63 -15.99
N THR A 134 -2.00 11.27 -16.15
CA THR A 134 -1.82 12.22 -17.22
C THR A 134 -1.98 11.56 -18.62
N TRP A 135 -1.50 10.32 -18.80
CA TRP A 135 -1.52 9.58 -20.07
C TRP A 135 -2.94 9.34 -20.51
N SER A 136 -3.84 9.54 -19.59
CA SER A 136 -5.15 8.96 -19.68
C SER A 136 -6.14 10.14 -19.55
N ASP A 137 -6.79 10.27 -18.39
CA ASP A 137 -7.78 11.28 -18.17
C ASP A 137 -7.32 12.34 -17.17
N ASN A 138 -6.06 12.34 -16.81
CA ASN A 138 -5.56 13.31 -15.82
C ASN A 138 -6.22 13.25 -14.40
N SER A 139 -6.99 12.19 -14.14
CA SER A 139 -7.63 11.96 -12.86
C SER A 139 -6.62 11.81 -11.69
N GLU A 140 -7.03 12.25 -10.52
CA GLU A 140 -6.17 12.24 -9.36
C GLU A 140 -6.18 10.85 -8.75
N TYR A 141 -5.05 10.43 -8.21
CA TYR A 141 -4.95 9.10 -7.57
C TYR A 141 -3.82 9.17 -6.53
N LEU A 142 -3.81 8.21 -5.62
CA LEU A 142 -2.78 8.13 -4.54
C LEU A 142 -1.63 7.20 -4.90
N ALA A 143 -0.42 7.54 -4.46
CA ALA A 143 0.73 6.73 -4.63
C ALA A 143 1.45 6.61 -3.33
N LEU A 144 1.94 5.39 -3.11
CA LEU A 144 2.75 5.09 -1.96
C LEU A 144 4.13 4.81 -2.51
N TYR A 145 5.14 5.50 -1.96
CA TYR A 145 6.55 5.32 -2.32
C TYR A 145 7.21 4.53 -1.24
N TYR A 146 7.58 3.30 -1.56
CA TYR A 146 8.13 2.43 -0.56
C TYR A 146 9.66 2.52 -0.62
N ALA A 147 10.31 2.68 0.52
CA ALA A 147 11.74 2.71 0.61
C ALA A 147 12.26 1.28 0.75
N GLY A 148 13.55 1.13 0.62
CA GLY A 148 14.25 -0.14 0.76
C GLY A 148 13.85 -0.87 2.02
N PRO A 149 13.90 -0.19 3.16
CA PRO A 149 13.60 -0.92 4.40
C PRO A 149 12.14 -1.41 4.57
N ILE A 150 11.30 -1.32 3.56
CA ILE A 150 9.98 -1.96 3.64
C ILE A 150 10.26 -3.45 3.68
N ARG A 151 11.45 -3.88 3.24
CA ARG A 151 11.79 -5.32 3.21
C ARG A 151 11.92 -5.87 4.65
N SER A 152 12.00 -4.99 5.65
CA SER A 152 12.06 -5.40 7.08
C SER A 152 10.69 -5.60 7.68
N SER A 153 9.64 -5.26 6.97
CA SER A 153 8.32 -5.57 7.46
C SER A 153 7.91 -6.83 6.67
N GLY A 154 7.08 -7.63 7.23
CA GLY A 154 6.62 -8.82 6.55
C GLY A 154 5.62 -8.48 5.45
N GLY A 155 5.20 -9.51 4.73
CA GLY A 155 4.24 -9.34 3.64
C GLY A 155 2.89 -8.90 4.13
N THR A 156 2.54 -9.24 5.37
CA THR A 156 1.24 -8.89 5.88
C THR A 156 1.15 -7.36 6.03
N ALA A 157 2.16 -6.74 6.64
CA ALA A 157 2.19 -5.28 6.77
C ALA A 157 2.33 -4.61 5.37
N GLN A 158 3.12 -5.21 4.48
CA GLN A 158 3.23 -4.66 3.12
C GLN A 158 1.85 -4.64 2.39
N ALA A 159 1.09 -5.75 2.51
CA ALA A 159 -0.25 -5.87 1.96
C ALA A 159 -1.19 -4.88 2.59
N LEU A 160 -1.13 -4.72 3.90
CA LEU A 160 -2.06 -3.84 4.56
C LEU A 160 -1.83 -2.38 4.12
N SER A 161 -0.56 -1.98 3.88
CA SER A 161 -0.26 -0.58 3.52
C SER A 161 -1.04 -0.21 2.26
N VAL A 162 -1.17 -1.16 1.33
CA VAL A 162 -1.91 -0.99 0.10
C VAL A 162 -3.42 -0.86 0.37
N LEU A 163 -3.99 -1.77 1.18
CA LEU A 163 -5.36 -1.66 1.57
C LEU A 163 -5.65 -0.31 2.26
N VAL A 164 -4.84 0.03 3.27
CA VAL A 164 -4.86 1.38 3.86
C VAL A 164 -4.81 2.52 2.82
N GLY A 165 -3.81 2.47 1.96
CA GLY A 165 -3.75 3.36 0.79
C GLY A 165 -5.11 3.54 0.11
N ASP A 166 -5.75 2.43 -0.25
CA ASP A 166 -7.03 2.51 -0.95
C ASP A 166 -8.09 3.23 -0.12
N TYR A 167 -8.25 2.82 1.14
CA TYR A 167 -9.26 3.41 2.00
C TYR A 167 -9.02 4.90 2.20
N VAL A 168 -7.76 5.28 2.35
CA VAL A 168 -7.46 6.71 2.52
C VAL A 168 -7.84 7.50 1.22
N ARG A 169 -7.43 7.01 0.04
CA ARG A 169 -7.68 7.76 -1.22
C ARG A 169 -9.18 7.84 -1.44
N ARG A 170 -9.97 6.83 -1.04
CA ARG A 170 -11.46 6.98 -1.17
C ARG A 170 -12.04 8.05 -0.23
N LYS A 171 -11.55 8.07 0.99
CA LYS A 171 -12.03 9.00 1.97
C LYS A 171 -11.71 10.37 1.52
N LEU A 172 -10.61 10.53 0.78
CA LEU A 172 -10.22 11.82 0.25
C LEU A 172 -10.84 12.16 -1.09
N GLY A 173 -11.65 11.29 -1.66
CA GLY A 173 -12.29 11.57 -2.89
C GLY A 173 -11.41 11.36 -4.11
N LEU A 174 -10.32 10.63 -3.95
CA LEU A 174 -9.38 10.46 -5.07
C LEU A 174 -9.83 9.34 -5.98
N ASP A 175 -9.46 9.44 -7.24
CA ASP A 175 -9.76 8.37 -8.20
C ASP A 175 -8.71 7.22 -8.07
N ARG A 176 -8.91 6.13 -8.80
CA ARG A 176 -7.93 5.07 -8.91
C ARG A 176 -6.77 5.39 -9.82
N PHE A 177 -5.59 4.89 -9.48
CA PHE A 177 -4.46 4.79 -10.41
C PHE A 177 -4.93 3.99 -11.64
N LYS A 178 -4.58 4.50 -12.81
CA LYS A 178 -5.01 3.87 -14.06
C LYS A 178 -3.77 3.67 -14.93
N PRO A 179 -2.85 2.74 -14.52
CA PRO A 179 -1.57 2.60 -15.18
C PRO A 179 -1.78 2.35 -16.70
N SER A 180 -0.99 3.02 -17.51
CA SER A 180 -0.98 2.78 -19.00
C SER A 180 -0.52 1.36 -19.25
N GLU A 181 -0.25 1.02 -20.50
CA GLU A 181 0.32 -0.31 -20.81
C GLU A 181 1.77 -0.33 -20.43
N LYS A 182 2.47 0.76 -20.70
CA LYS A 182 3.86 0.87 -20.31
C LYS A 182 4.11 0.74 -18.78
N HIS A 183 3.16 1.17 -17.96
CA HIS A 183 3.33 1.03 -16.49
C HIS A 183 3.23 -0.41 -16.15
N ILE A 184 2.22 -1.07 -16.70
CA ILE A 184 2.03 -2.47 -16.48
C ILE A 184 3.31 -3.24 -16.88
N GLU A 185 3.68 -3.19 -18.16
CA GLU A 185 4.90 -3.88 -18.63
C GLU A 185 6.17 -3.50 -17.91
N ARG A 186 6.27 -2.26 -17.46
CA ARG A 186 7.42 -1.91 -16.64
C ARG A 186 7.52 -2.83 -15.36
N MSE A 187 6.36 -3.16 -14.78
CA MSE A 187 6.34 -3.83 -13.47
C MSE A 187 6.64 -5.32 -13.72
O MSE A 187 7.51 -5.87 -13.05
CB MSE A 187 5.02 -3.65 -12.69
CG MSE A 187 5.06 -4.22 -11.20
SE MSE A 187 6.38 -3.45 -10.05
CE MSE A 187 5.58 -1.58 -9.92
N VAL A 188 5.95 -5.90 -14.70
CA VAL A 188 6.30 -7.23 -15.23
C VAL A 188 7.82 -7.36 -15.37
N GLU A 189 8.44 -6.44 -16.12
CA GLU A 189 9.88 -6.42 -16.27
C GLU A 189 10.64 -6.29 -14.92
N GLU A 190 10.25 -5.34 -14.07
CA GLU A 190 10.96 -5.19 -12.80
C GLU A 190 10.91 -6.41 -11.91
N VAL A 191 9.75 -7.10 -11.86
CA VAL A 191 9.57 -8.26 -11.00
C VAL A 191 10.52 -9.37 -11.39
N ASP A 192 10.53 -9.74 -12.67
CA ASP A 192 11.44 -10.77 -13.17
C ASP A 192 12.91 -10.38 -12.99
N LEU A 193 13.27 -9.14 -13.34
CA LEU A 193 14.65 -8.67 -13.18
C LEU A 193 15.16 -8.69 -11.72
N TYR A 194 14.36 -8.18 -10.80
CA TYR A 194 14.73 -8.21 -9.38
C TYR A 194 14.85 -9.65 -8.87
N HIS A 195 13.90 -10.52 -9.28
CA HIS A 195 13.91 -11.89 -8.85
C HIS A 195 15.27 -12.59 -9.15
N ARG A 196 15.71 -12.41 -10.40
CA ARG A 196 16.86 -13.14 -10.94
C ARG A 196 18.20 -12.51 -10.57
N THR A 197 18.21 -11.18 -10.43
CA THR A 197 19.49 -10.51 -10.32
C THR A 197 19.64 -9.69 -9.05
N VAL A 198 18.57 -9.57 -8.26
CA VAL A 198 18.76 -8.92 -6.96
C VAL A 198 18.52 -9.86 -5.82
N SER A 199 17.32 -10.43 -5.79
CA SER A 199 16.96 -11.19 -4.60
C SER A 199 15.73 -12.03 -4.90
N ARG A 200 15.86 -13.35 -4.72
CA ARG A 200 14.74 -14.26 -5.01
C ARG A 200 13.48 -13.87 -4.20
N LEU A 201 12.35 -13.80 -4.89
CA LEU A 201 11.10 -13.42 -4.25
C LEU A 201 10.50 -14.63 -3.51
N GLN A 202 10.16 -14.47 -2.23
CA GLN A 202 9.51 -15.56 -1.48
C GLN A 202 8.27 -16.01 -2.24
N TYR A 203 7.58 -15.05 -2.86
CA TYR A 203 6.49 -15.38 -3.80
C TYR A 203 6.77 -14.79 -5.20
N HIS A 204 6.95 -15.65 -6.20
CA HIS A 204 7.37 -15.24 -7.48
C HIS A 204 6.17 -15.28 -8.38
N PRO A 205 5.51 -14.13 -8.56
CA PRO A 205 4.28 -14.19 -9.39
C PRO A 205 4.61 -14.40 -10.89
N SER A 206 3.79 -15.13 -11.62
CA SER A 206 3.89 -15.14 -13.05
C SER A 206 3.67 -13.72 -13.59
N PRO A 207 4.22 -13.45 -14.81
CA PRO A 207 3.93 -12.22 -15.57
C PRO A 207 2.44 -11.83 -15.58
N GLU A 208 1.58 -12.82 -15.81
CA GLU A 208 0.10 -12.72 -15.74
C GLU A 208 -0.42 -12.30 -14.38
N GLU A 209 0.23 -12.77 -13.32
CA GLU A 209 -0.18 -12.34 -12.00
C GLU A 209 0.19 -10.86 -11.82
N VAL A 210 1.37 -10.49 -12.26
CA VAL A 210 1.75 -9.08 -12.19
C VAL A 210 0.75 -8.18 -12.95
N ARG A 211 0.32 -8.61 -14.14
CA ARG A 211 -0.64 -7.81 -14.92
C ARG A 211 -1.89 -7.65 -14.15
N LEU A 212 -2.49 -8.77 -13.74
CA LEU A 212 -3.69 -8.80 -12.90
C LEU A 212 -3.68 -7.82 -11.72
N ALA A 213 -2.61 -7.86 -10.94
CA ALA A 213 -2.39 -6.99 -9.80
C ALA A 213 -2.26 -5.53 -10.26
N MSE A 214 -1.51 -5.32 -11.33
CA MSE A 214 -1.38 -4.00 -11.85
C MSE A 214 -2.72 -3.44 -12.38
O MSE A 214 -2.98 -2.28 -12.18
CB MSE A 214 -0.25 -3.89 -12.87
CG MSE A 214 1.11 -3.96 -12.24
SE MSE A 214 1.63 -2.50 -11.13
CE MSE A 214 1.82 -0.95 -12.46
N ARG A 215 -3.55 -4.25 -13.01
CA ARG A 215 -4.74 -3.70 -13.63
C ARG A 215 -5.72 -3.34 -12.53
N ASN A 216 -5.58 -4.00 -11.36
CA ASN A 216 -6.60 -3.89 -10.36
C ASN A 216 -6.27 -3.12 -9.12
N ILE A 217 -5.02 -3.05 -8.73
CA ILE A 217 -4.66 -2.37 -7.49
C ILE A 217 -4.89 -0.84 -7.67
N PRO A 218 -5.73 -0.24 -6.81
CA PRO A 218 -6.22 1.12 -7.09
C PRO A 218 -5.29 2.18 -6.64
N ILE A 219 -4.19 1.86 -6.01
CA ILE A 219 -3.19 2.90 -5.82
C ILE A 219 -1.95 2.51 -6.55
N GLU A 220 -1.00 3.43 -6.72
CA GLU A 220 0.27 3.16 -7.39
C GLU A 220 1.26 2.71 -6.34
N ILE A 221 1.78 1.51 -6.54
CA ILE A 221 2.83 1.01 -5.71
C ILE A 221 4.12 1.31 -6.42
N THR A 222 4.98 2.07 -5.76
CA THR A 222 6.14 2.57 -6.47
C THR A 222 7.16 2.89 -5.42
N GLY A 223 8.18 3.68 -5.75
CA GLY A 223 9.23 4.02 -4.79
C GLY A 223 10.56 4.52 -5.36
N GLU A 224 11.55 4.68 -4.47
CA GLU A 224 12.90 5.07 -4.81
C GLU A 224 13.49 3.94 -5.63
N ALA A 225 14.71 4.17 -6.14
CA ALA A 225 15.48 3.08 -6.75
C ALA A 225 16.21 2.45 -5.61
N THR A 226 16.11 1.13 -5.45
CA THR A 226 16.80 0.50 -4.32
C THR A 226 18.10 -0.21 -4.76
N ASP A 227 18.24 -0.42 -6.06
CA ASP A 227 19.28 -1.26 -6.64
C ASP A 227 19.62 -0.66 -7.99
N GLU A 228 20.89 -0.35 -8.25
CA GLU A 228 21.26 0.07 -9.62
C GLU A 228 21.22 -0.97 -10.71
N VAL A 229 20.04 -1.18 -11.31
CA VAL A 229 19.93 -2.05 -12.44
C VAL A 229 19.05 -1.33 -13.45
N GLU A 230 19.67 -0.84 -14.51
CA GLU A 230 18.93 -0.18 -15.57
C GLU A 230 17.82 -1.09 -16.10
N VAL A 231 16.73 -0.47 -16.55
CA VAL A 231 15.54 -1.16 -16.96
C VAL A 231 15.36 -0.94 -18.47
N SER A 232 14.66 -1.85 -19.12
CA SER A 232 14.21 -1.74 -20.53
C SER A 232 13.14 -0.65 -20.77
N HIS A 233 11.90 -0.84 -20.31
CA HIS A 233 10.83 0.16 -20.46
C HIS A 233 11.15 1.42 -19.65
N ARG A 234 11.85 2.38 -20.25
CA ARG A 234 12.34 3.58 -19.52
C ARG A 234 11.45 4.83 -19.72
N ASP A 235 11.75 5.91 -19.00
CA ASP A 235 10.96 7.18 -19.02
C ASP A 235 9.46 6.91 -19.17
N ILE A 236 8.84 6.48 -18.06
CA ILE A 236 7.39 6.34 -18.01
C ILE A 236 7.01 7.60 -17.28
N PRO A 237 5.98 8.31 -17.79
CA PRO A 237 5.47 9.56 -17.21
C PRO A 237 5.58 9.60 -15.67
N GLY A 238 4.83 8.82 -14.93
CA GLY A 238 4.91 8.98 -13.45
C GLY A 238 6.09 8.36 -12.67
N VAL A 239 7.03 7.72 -13.40
CA VAL A 239 8.11 6.91 -12.78
C VAL A 239 9.54 7.54 -12.75
N GLU A 240 9.82 8.31 -11.71
CA GLU A 240 11.05 9.12 -11.67
C GLU A 240 12.36 8.34 -11.83
N THR A 241 12.31 7.01 -11.69
CA THR A 241 13.55 6.24 -11.80
C THR A 241 13.46 5.32 -12.99
N ASN A 242 14.63 5.04 -13.55
CA ASN A 242 14.72 4.08 -14.62
C ASN A 242 15.47 2.86 -14.09
N GLN A 243 15.74 2.86 -12.77
CA GLN A 243 16.32 1.69 -12.08
C GLN A 243 15.23 0.84 -11.37
N LEU A 244 15.65 -0.06 -10.49
CA LEU A 244 14.73 -1.07 -9.94
C LEU A 244 14.05 -0.57 -8.69
N ARG A 245 12.73 -0.64 -8.66
CA ARG A 245 11.99 -0.19 -7.47
C ARG A 245 11.73 -1.29 -6.42
N GLY A 246 12.79 -1.69 -5.72
CA GLY A 246 12.75 -2.82 -4.80
C GLY A 246 11.58 -2.85 -3.81
N GLY A 247 11.36 -1.71 -3.16
CA GLY A 247 10.27 -1.57 -2.20
C GLY A 247 8.92 -1.90 -2.81
N ALA A 248 8.66 -1.34 -4.00
CA ALA A 248 7.41 -1.52 -4.72
C ALA A 248 7.25 -3.01 -5.16
N ILE A 249 8.35 -3.61 -5.61
CA ILE A 249 8.38 -5.01 -6.10
C ILE A 249 7.98 -5.97 -4.95
N LEU A 250 8.63 -5.83 -3.81
CA LEU A 250 8.28 -6.66 -2.66
C LEU A 250 6.82 -6.50 -2.28
N VAL A 251 6.34 -5.26 -2.28
CA VAL A 251 5.05 -4.97 -1.69
C VAL A 251 4.05 -5.65 -2.56
N LEU A 252 4.31 -5.58 -3.86
CA LEU A 252 3.39 -6.19 -4.81
C LEU A 252 3.45 -7.75 -4.83
N ALA A 253 4.64 -8.33 -4.95
CA ALA A 253 4.82 -9.78 -5.01
C ALA A 253 4.64 -10.41 -3.62
N GLU A 254 5.52 -10.10 -2.69
CA GLU A 254 5.47 -10.69 -1.35
C GLU A 254 4.34 -10.15 -0.45
N GLY A 255 3.68 -9.06 -0.87
CA GLY A 255 2.68 -8.40 -0.08
C GLY A 255 1.31 -8.77 -0.59
N VAL A 256 0.81 -7.99 -1.54
CA VAL A 256 -0.52 -8.21 -2.03
C VAL A 256 -0.80 -9.67 -2.52
N LEU A 257 0.07 -10.20 -3.36
CA LEU A 257 -0.16 -11.48 -4.01
C LEU A 257 0.15 -12.65 -3.06
N GLN A 258 1.31 -12.65 -2.42
CA GLN A 258 1.62 -13.71 -1.48
C GLN A 258 0.65 -13.75 -0.26
N LYS A 259 0.32 -12.58 0.32
CA LYS A 259 -0.58 -12.54 1.49
C LYS A 259 -2.04 -12.21 1.17
N ALA A 260 -2.44 -12.49 -0.07
CA ALA A 260 -3.78 -12.26 -0.55
C ALA A 260 -4.86 -12.82 0.35
N LYS A 261 -4.75 -14.09 0.73
CA LYS A 261 -5.75 -14.70 1.63
C LYS A 261 -5.88 -13.93 2.98
N LYS A 262 -4.74 -13.66 3.59
CA LYS A 262 -4.72 -12.90 4.84
C LYS A 262 -5.32 -11.51 4.65
N LEU A 263 -4.96 -10.87 3.54
CA LEU A 263 -5.53 -9.56 3.19
C LEU A 263 -7.04 -9.65 3.01
N VAL A 264 -7.51 -10.68 2.32
CA VAL A 264 -8.97 -10.84 2.12
C VAL A 264 -9.74 -10.88 3.46
N LYS A 265 -9.18 -11.53 4.42
CA LYS A 265 -9.74 -11.54 5.75
C LYS A 265 -9.82 -10.12 6.39
N TYR A 266 -8.79 -9.31 6.20
CA TYR A 266 -8.84 -7.95 6.75
C TYR A 266 -9.92 -7.15 6.03
N ILE A 267 -9.98 -7.31 4.70
CA ILE A 267 -11.02 -6.71 3.86
C ILE A 267 -12.45 -7.05 4.32
N ASP A 268 -12.68 -8.34 4.64
CA ASP A 268 -13.94 -8.77 5.28
C ASP A 268 -14.14 -8.15 6.66
N LYS A 269 -13.11 -8.19 7.51
CA LYS A 269 -13.27 -7.60 8.84
C LYS A 269 -13.52 -6.11 8.79
N MSE A 270 -13.18 -5.49 7.68
CA MSE A 270 -13.30 -4.04 7.64
C MSE A 270 -14.49 -3.65 6.82
O MSE A 270 -14.80 -2.47 6.75
CB MSE A 270 -12.03 -3.39 7.10
CG MSE A 270 -10.85 -3.80 7.97
SE MSE A 270 -9.13 -3.24 7.25
CE MSE A 270 -8.96 -1.68 8.26
N GLY A 271 -15.12 -4.66 6.20
CA GLY A 271 -16.23 -4.43 5.27
C GLY A 271 -15.84 -3.60 4.06
N ILE A 272 -14.59 -3.68 3.64
CA ILE A 272 -14.16 -2.89 2.46
C ILE A 272 -14.65 -3.44 1.08
N GLU A 273 -15.20 -2.55 0.25
CA GLU A 273 -15.69 -2.87 -1.11
C GLU A 273 -14.61 -2.65 -2.12
N GLY A 274 -14.76 -3.24 -3.30
CA GLY A 274 -13.87 -2.94 -4.42
C GLY A 274 -12.71 -3.90 -4.63
N TRP A 275 -12.56 -4.87 -3.74
CA TRP A 275 -11.48 -5.85 -3.81
C TRP A 275 -11.95 -7.28 -4.24
N GLU A 276 -13.06 -7.39 -4.98
CA GLU A 276 -13.58 -8.70 -5.38
C GLU A 276 -12.54 -9.45 -6.18
N TRP A 277 -11.82 -8.73 -7.03
CA TRP A 277 -10.75 -9.32 -7.83
C TRP A 277 -9.72 -10.08 -6.99
N LEU A 278 -9.42 -9.61 -5.78
CA LEU A 278 -8.47 -10.35 -4.90
C LEU A 278 -9.11 -11.60 -4.26
N LYS A 279 -10.40 -11.49 -3.92
CA LYS A 279 -11.16 -12.66 -3.49
C LYS A 279 -11.10 -13.75 -4.53
N GLU A 280 -11.35 -13.39 -5.79
CA GLU A 280 -11.36 -14.33 -6.92
C GLU A 280 -9.98 -14.86 -7.23
N PHE A 281 -8.96 -14.01 -7.10
CA PHE A 281 -7.58 -14.46 -7.25
C PHE A 281 -7.24 -15.57 -6.21
N VAL A 282 -7.51 -15.34 -4.93
CA VAL A 282 -7.28 -16.36 -3.88
C VAL A 282 -7.98 -17.70 -4.20
N GLU A 283 -9.29 -17.55 -4.40
CA GLU A 283 -10.19 -18.65 -4.72
C GLU A 283 -9.66 -19.49 -5.91
N ALA A 284 -9.31 -18.82 -7.01
CA ALA A 284 -8.72 -19.47 -8.19
C ALA A 284 -7.41 -20.20 -7.87
N LYS A 285 -6.54 -19.57 -7.08
CA LYS A 285 -5.24 -20.20 -6.79
C LYS A 285 -5.44 -21.45 -5.91
N GLU A 286 -6.32 -21.39 -4.91
CA GLU A 286 -6.57 -22.59 -4.10
C GLU A 286 -7.20 -23.74 -4.91
N LYS A 287 -8.13 -23.42 -5.80
CA LYS A 287 -8.82 -24.44 -6.58
C LYS A 287 -7.91 -25.02 -7.71
N GLY A 288 -6.83 -24.32 -8.04
CA GLY A 288 -6.02 -24.63 -9.22
C GLY A 288 -6.68 -24.25 -10.56
N GLU A 289 -7.63 -23.31 -10.49
CA GLU A 289 -8.18 -22.72 -11.71
C GLU A 289 -7.22 -21.65 -12.25
N GLU A 290 -7.21 -21.47 -13.57
CA GLU A 290 -6.28 -20.54 -14.22
C GLU A 290 -6.64 -19.11 -13.88
N ILE A 291 -5.67 -18.22 -13.95
CA ILE A 291 -5.94 -16.79 -13.74
C ILE A 291 -6.85 -16.23 -14.86
#